data_4OP0
#
_entry.id   4OP0
#
_cell.length_a   41.737
_cell.length_b   75.406
_cell.length_c   77.599
_cell.angle_alpha   90.00
_cell.angle_beta   97.92
_cell.angle_gamma   90.00
#
_symmetry.space_group_name_H-M   'P 1 21 1'
#
loop_
_entity.id
_entity.type
_entity.pdbx_description
1 polymer 'BirA bifunctional protein'
2 non-polymer BIOTINYL-5-AMP
3 non-polymer 'SULFATE ION'
4 water water
#
_entity_poly.entity_id   1
_entity_poly.type   'polypeptide(L)'
_entity_poly.pdbx_seq_one_letter_code
;GAMADRDRLRPPLDERSLRDQLIGAGSGWRQLDVVAQTGSTNADLLARAASGADIDGVVLIAEHQTAGRGRHGRGWAATA
RAQIILSVGVRVVDVPVQAWGWLSLAAGLAVLDSVAPLIAVPPAETGLKWPNDVLARGGKLAGILAEVAQPFVVLGVGLN
VTQAPEEVDPDATSLLDLGVAAPDRNRIASRLLRELEARIIQWRNANPQLAADYRARSLTIGSRVRVELPGGQDVVGIAR
DIDDQGRLCLDVGGRTVVVSAGDVVHLR
;
_entity_poly.pdbx_strand_id   A,B
#
# COMPACT_ATOMS: atom_id res chain seq x y z
N MET A 3 -14.96 -39.71 15.62
CA MET A 3 -13.50 -39.49 15.73
C MET A 3 -12.74 -40.82 15.62
N ALA A 4 -12.91 -41.72 16.58
CA ALA A 4 -12.54 -43.13 16.35
C ALA A 4 -13.41 -43.64 15.24
N ASP A 5 -14.69 -43.30 15.33
CA ASP A 5 -15.64 -43.70 14.32
C ASP A 5 -15.18 -43.04 13.03
N ARG A 6 -14.83 -41.76 13.05
CA ARG A 6 -14.51 -41.11 11.77
C ARG A 6 -13.23 -41.68 11.18
N ASP A 7 -12.21 -41.85 12.00
CA ASP A 7 -10.92 -42.37 11.53
C ASP A 7 -11.04 -43.69 10.79
N ARG A 8 -12.00 -44.51 11.19
CA ARG A 8 -12.17 -45.81 10.56
C ARG A 8 -12.95 -45.77 9.24
N LEU A 9 -13.51 -44.62 8.89
CA LEU A 9 -14.30 -44.43 7.66
C LEU A 9 -13.74 -43.31 6.75
N ARG A 10 -12.44 -43.13 6.78
CA ARG A 10 -11.78 -42.15 5.95
C ARG A 10 -10.88 -42.90 4.98
N PRO A 11 -11.34 -43.11 3.73
CA PRO A 11 -10.53 -43.86 2.79
C PRO A 11 -9.34 -43.06 2.33
N PRO A 12 -8.26 -43.73 1.95
CA PRO A 12 -7.08 -43.08 1.48
C PRO A 12 -7.37 -42.43 0.13
N LEU A 13 -6.54 -41.47 -0.22
CA LEU A 13 -6.56 -40.98 -1.59
C LEU A 13 -6.06 -42.04 -2.55
N ASP A 14 -6.55 -41.96 -3.80
CA ASP A 14 -6.15 -42.89 -4.86
C ASP A 14 -5.28 -42.04 -5.78
N GLU A 15 -3.97 -42.14 -5.60
CA GLU A 15 -3.02 -41.30 -6.32
C GLU A 15 -3.15 -41.59 -7.82
N ARG A 16 -3.30 -42.85 -8.16
CA ARG A 16 -3.46 -43.19 -9.57
C ARG A 16 -4.68 -42.49 -10.20
N SER A 17 -5.77 -42.36 -9.42
CA SER A 17 -6.99 -41.74 -9.92
C SER A 17 -6.83 -40.22 -9.99
N LEU A 18 -6.18 -39.62 -8.98
CA LEU A 18 -5.84 -38.21 -9.11
C LEU A 18 -5.04 -37.94 -10.37
N ARG A 19 -4.17 -38.89 -10.68
CA ARG A 19 -3.24 -38.77 -11.79
C ARG A 19 -4.01 -38.86 -13.08
N ASP A 20 -4.91 -39.83 -13.14
CA ASP A 20 -5.73 -40.06 -14.33
C ASP A 20 -6.58 -38.83 -14.63
N GLN A 21 -7.14 -38.24 -13.60
CA GLN A 21 -7.92 -37.03 -13.80
C GLN A 21 -7.11 -35.89 -14.39
N LEU A 22 -5.86 -35.71 -13.94
CA LEU A 22 -4.99 -34.65 -14.48
C LEU A 22 -4.66 -34.90 -15.96
N ILE A 23 -4.49 -36.18 -16.28
CA ILE A 23 -4.15 -36.62 -17.62
C ILE A 23 -5.33 -36.37 -18.53
N GLY A 24 -6.48 -36.93 -18.15
CA GLY A 24 -7.68 -36.79 -18.97
C GLY A 24 -7.94 -35.33 -19.27
N ALA A 25 -7.61 -34.48 -18.31
CA ALA A 25 -7.85 -33.04 -18.39
C ALA A 25 -6.74 -32.23 -19.09
N GLY A 26 -5.66 -32.88 -19.49
CA GLY A 26 -4.54 -32.16 -20.13
C GLY A 26 -3.92 -31.14 -19.18
N SER A 27 -3.83 -31.50 -17.91
CA SER A 27 -3.35 -30.57 -16.89
C SER A 27 -1.92 -30.11 -17.14
N GLY A 28 -1.66 -28.83 -16.86
CA GLY A 28 -0.30 -28.31 -16.86
C GLY A 28 0.53 -28.54 -15.60
N TRP A 29 -0.03 -29.18 -14.58
CA TRP A 29 0.72 -29.50 -13.34
C TRP A 29 1.84 -30.44 -13.76
N ARG A 30 3.06 -30.16 -13.31
CA ARG A 30 4.25 -30.93 -13.76
C ARG A 30 4.57 -32.21 -12.97
N GLN A 31 4.05 -32.31 -11.74
CA GLN A 31 4.37 -33.41 -10.87
C GLN A 31 3.28 -33.49 -9.86
N LEU A 32 2.88 -34.71 -9.46
CA LEU A 32 1.90 -34.89 -8.36
C LEU A 32 2.33 -36.06 -7.55
N ASP A 33 2.50 -35.87 -6.25
CA ASP A 33 2.85 -36.95 -5.36
C ASP A 33 1.94 -36.87 -4.14
N VAL A 34 1.52 -38.04 -3.63
CA VAL A 34 0.82 -38.18 -2.36
C VAL A 34 1.77 -38.90 -1.41
N VAL A 35 1.96 -38.35 -0.22
CA VAL A 35 2.73 -38.96 0.85
C VAL A 35 1.85 -39.19 2.04
N ALA A 36 2.15 -40.30 2.72
CA ALA A 36 1.39 -40.73 3.89
C ALA A 36 1.40 -39.66 4.96
N GLN A 37 2.57 -39.14 5.26
CA GLN A 37 2.66 -38.15 6.28
C GLN A 37 3.90 -37.28 6.11
N THR A 38 3.76 -36.03 6.52
CA THR A 38 4.87 -35.12 6.53
C THR A 38 4.62 -34.08 7.59
N GLY A 39 5.68 -33.36 7.98
CA GLY A 39 5.58 -32.31 8.97
C GLY A 39 4.82 -31.14 8.37
N SER A 40 5.17 -30.74 7.14
CA SER A 40 4.50 -29.63 6.45
C SER A 40 4.78 -29.75 4.97
N THR A 41 3.73 -29.80 4.18
CA THR A 41 3.87 -29.82 2.74
C THR A 41 4.55 -28.52 2.25
N ASN A 42 4.19 -27.40 2.83
CA ASN A 42 4.84 -26.16 2.48
C ASN A 42 6.31 -26.26 2.75
N ALA A 43 6.66 -26.67 3.96
CA ALA A 43 8.10 -26.87 4.29
C ALA A 43 8.80 -27.75 3.28
N ASP A 44 8.12 -28.78 2.81
CA ASP A 44 8.72 -29.77 1.91
C ASP A 44 9.02 -29.16 0.57
N LEU A 45 8.09 -28.39 0.03
CA LEU A 45 8.33 -27.79 -1.30
C LEU A 45 9.38 -26.69 -1.24
N LEU A 46 9.38 -25.93 -0.15
CA LEU A 46 10.43 -24.90 0.09
C LEU A 46 11.82 -25.52 0.15
N ALA A 47 11.91 -26.71 0.75
CA ALA A 47 13.16 -27.44 0.90
C ALA A 47 13.64 -27.96 -0.44
N ARG A 48 12.71 -28.47 -1.27
CA ARG A 48 13.10 -28.81 -2.64
C ARG A 48 13.63 -27.63 -3.42
N ALA A 49 12.95 -26.50 -3.36
CA ALA A 49 13.35 -25.30 -4.10
C ALA A 49 14.74 -24.89 -3.62
N ALA A 50 14.91 -24.91 -2.30
CA ALA A 50 16.18 -24.57 -1.66
C ALA A 50 17.34 -25.44 -2.11
N SER A 51 17.05 -26.70 -2.47
CA SER A 51 18.08 -27.60 -2.97
C SER A 51 18.26 -27.47 -4.48
N GLY A 52 17.58 -26.53 -5.11
CA GLY A 52 17.81 -26.25 -6.53
C GLY A 52 16.83 -26.94 -7.48
N ALA A 53 15.76 -27.53 -6.93
CA ALA A 53 14.72 -28.17 -7.74
C ALA A 53 13.80 -27.10 -8.31
N ASP A 54 13.34 -27.31 -9.55
CA ASP A 54 12.34 -26.44 -10.15
C ASP A 54 11.00 -26.94 -9.65
N ILE A 55 10.38 -26.20 -8.72
CA ILE A 55 9.11 -26.60 -8.18
C ILE A 55 7.94 -25.95 -8.85
N ASP A 56 8.15 -25.20 -9.93
CA ASP A 56 7.01 -24.61 -10.64
C ASP A 56 6.04 -25.73 -11.06
N GLY A 57 4.78 -25.64 -10.67
CA GLY A 57 3.79 -26.65 -11.11
C GLY A 57 3.92 -28.01 -10.47
N VAL A 58 4.68 -28.10 -9.37
CA VAL A 58 4.82 -29.35 -8.59
C VAL A 58 3.72 -29.32 -7.51
N VAL A 59 3.03 -30.46 -7.37
CA VAL A 59 1.95 -30.64 -6.42
C VAL A 59 2.31 -31.71 -5.41
N LEU A 60 2.19 -31.37 -4.12
CA LEU A 60 2.46 -32.32 -3.07
C LEU A 60 1.25 -32.40 -2.15
N ILE A 61 0.70 -33.60 -2.02
CA ILE A 61 -0.44 -33.83 -1.15
C ILE A 61 -0.05 -34.77 -0.03
N ALA A 62 -0.43 -34.48 1.20
CA ALA A 62 -0.09 -35.33 2.36
C ALA A 62 -1.36 -35.84 2.98
N GLU A 63 -1.42 -37.13 3.27
CA GLU A 63 -2.60 -37.69 3.91
C GLU A 63 -2.72 -37.20 5.33
N HIS A 64 -1.55 -37.08 5.95
CA HIS A 64 -1.45 -36.62 7.31
C HIS A 64 -0.33 -35.58 7.42
N GLN A 65 -0.53 -34.55 8.24
CA GLN A 65 0.50 -33.52 8.43
C GLN A 65 0.65 -33.22 9.89
N THR A 66 1.84 -33.44 10.39
CA THR A 66 2.08 -33.55 11.86
C THR A 66 2.58 -32.27 12.55
N ALA A 67 2.92 -31.25 11.77
CA ALA A 67 3.53 -30.03 12.18
C ALA A 67 3.18 -28.91 11.17
N GLY A 68 1.88 -28.79 10.90
CA GLY A 68 1.36 -27.84 9.95
C GLY A 68 1.63 -26.41 10.35
N ARG A 69 1.78 -25.59 9.33
CA ARG A 69 1.99 -24.15 9.48
C ARG A 69 0.76 -23.33 9.19
N GLY A 70 0.45 -22.47 10.16
CA GLY A 70 -0.44 -21.34 9.95
C GLY A 70 0.39 -20.14 9.56
N ARG A 71 -0.17 -18.95 9.70
CA ARG A 71 0.59 -17.82 9.23
C ARG A 71 1.18 -17.14 10.44
N HIS A 72 2.31 -16.47 10.22
CA HIS A 72 2.97 -15.73 11.29
C HIS A 72 3.15 -16.54 12.56
N GLY A 73 3.59 -17.79 12.44
CA GLY A 73 3.96 -18.59 13.63
C GLY A 73 2.87 -19.44 14.29
N ARG A 74 1.63 -19.30 13.83
CA ARG A 74 0.55 -20.15 14.25
C ARG A 74 0.63 -21.50 13.55
N GLY A 75 -0.19 -22.43 14.02
CA GLY A 75 -0.16 -23.82 13.56
C GLY A 75 -1.30 -24.19 12.64
N TRP A 76 -1.27 -25.41 12.13
CA TRP A 76 -2.38 -25.98 11.40
C TRP A 76 -2.44 -27.40 11.88
N ALA A 77 -3.60 -27.80 12.41
CA ALA A 77 -3.80 -29.16 12.91
C ALA A 77 -4.51 -30.09 11.90
N ALA A 78 -4.22 -31.40 11.99
CA ALA A 78 -4.84 -32.37 11.11
C ALA A 78 -4.83 -33.73 11.75
N THR A 79 -5.73 -34.56 11.28
CA THR A 79 -5.63 -35.99 11.49
C THR A 79 -5.67 -36.65 10.12
N ALA A 80 -5.22 -37.88 10.09
CA ALA A 80 -4.95 -38.55 8.80
C ALA A 80 -6.25 -38.72 7.98
N ARG A 81 -6.15 -38.42 6.69
CA ARG A 81 -7.16 -38.65 5.68
C ARG A 81 -8.42 -37.83 5.86
N ALA A 82 -8.38 -36.82 6.76
CA ALA A 82 -9.55 -36.04 7.10
C ALA A 82 -9.58 -34.75 6.33
N GLN A 83 -8.44 -34.32 5.75
CA GLN A 83 -8.43 -33.09 4.99
C GLN A 83 -7.84 -33.37 3.60
N ILE A 84 -7.98 -32.39 2.70
CA ILE A 84 -7.06 -32.28 1.58
C ILE A 84 -6.01 -31.27 1.98
N ILE A 85 -4.78 -31.77 2.14
CA ILE A 85 -3.61 -31.01 2.59
C ILE A 85 -2.63 -30.95 1.42
N LEU A 86 -2.49 -29.82 0.77
CA LEU A 86 -1.67 -29.79 -0.40
C LEU A 86 -0.87 -28.50 -0.53
N SER A 87 0.27 -28.59 -1.21
CA SER A 87 1.02 -27.36 -1.54
C SER A 87 1.36 -27.44 -3.01
N VAL A 88 1.42 -26.31 -3.69
CA VAL A 88 1.87 -26.30 -5.07
C VAL A 88 2.99 -25.25 -5.20
N GLY A 89 3.95 -25.49 -6.10
CA GLY A 89 4.94 -24.46 -6.44
C GLY A 89 4.49 -23.60 -7.60
N VAL A 90 4.81 -22.30 -7.52
CA VAL A 90 4.51 -21.33 -8.53
C VAL A 90 5.76 -20.44 -8.74
N ARG A 91 6.32 -20.43 -9.96
CA ARG A 91 7.38 -19.51 -10.29
C ARG A 91 6.74 -18.15 -10.44
N VAL A 92 7.30 -17.15 -9.76
CA VAL A 92 6.67 -15.84 -9.72
C VAL A 92 7.51 -14.73 -10.32
N VAL A 93 8.71 -15.04 -10.83
CA VAL A 93 9.60 -13.98 -11.33
C VAL A 93 9.32 -13.56 -12.78
N ASP A 94 8.40 -14.24 -13.45
CA ASP A 94 7.85 -13.84 -14.77
C ASP A 94 7.18 -12.46 -14.48
N VAL A 95 7.16 -11.38 -15.28
CA VAL A 95 7.38 -11.15 -16.74
C VAL A 95 6.13 -11.25 -17.65
N PRO A 96 5.22 -10.26 -17.53
CA PRO A 96 5.28 -9.08 -16.65
C PRO A 96 4.97 -9.51 -15.24
N VAL A 97 5.78 -9.07 -14.27
CA VAL A 97 5.71 -9.67 -12.93
C VAL A 97 4.45 -9.21 -12.25
N GLN A 98 3.72 -10.19 -11.70
CA GLN A 98 2.45 -9.96 -11.05
C GLN A 98 2.65 -9.99 -9.55
N ALA A 99 1.72 -9.38 -8.82
CA ALA A 99 1.88 -9.25 -7.38
C ALA A 99 1.59 -10.59 -6.70
N TRP A 100 2.59 -11.22 -6.07
CA TRP A 100 2.40 -12.58 -5.58
C TRP A 100 1.40 -12.62 -4.45
N GLY A 101 1.13 -11.47 -3.83
CA GLY A 101 0.16 -11.45 -2.76
C GLY A 101 -1.23 -11.87 -3.19
N TRP A 102 -1.54 -11.82 -4.49
CA TRP A 102 -2.85 -12.33 -4.96
C TRP A 102 -2.98 -13.86 -5.03
N LEU A 103 -1.87 -14.59 -4.96
CA LEU A 103 -1.96 -16.05 -5.07
C LEU A 103 -2.74 -16.71 -3.93
N SER A 104 -2.54 -16.25 -2.70
CA SER A 104 -3.26 -16.77 -1.58
C SER A 104 -4.78 -16.58 -1.72
N LEU A 105 -5.15 -15.38 -2.18
CA LEU A 105 -6.53 -15.06 -2.49
C LEU A 105 -7.08 -15.93 -3.59
N ALA A 106 -6.29 -16.10 -4.65
CA ALA A 106 -6.68 -16.96 -5.77
C ALA A 106 -6.89 -18.41 -5.28
N ALA A 107 -6.03 -18.87 -4.37
CA ALA A 107 -6.18 -20.18 -3.77
C ALA A 107 -7.47 -20.37 -2.96
N GLY A 108 -7.84 -19.38 -2.14
CA GLY A 108 -9.09 -19.46 -1.41
C GLY A 108 -10.30 -19.56 -2.32
N LEU A 109 -10.24 -18.77 -3.37
CA LEU A 109 -11.26 -18.70 -4.34
C LEU A 109 -11.46 -20.05 -4.98
N ALA A 110 -10.33 -20.65 -5.38
CA ALA A 110 -10.35 -21.97 -5.99
C ALA A 110 -10.92 -23.03 -5.04
N VAL A 111 -10.57 -22.98 -3.76
CA VAL A 111 -11.18 -23.89 -2.80
C VAL A 111 -12.71 -23.72 -2.76
N LEU A 112 -13.19 -22.48 -2.65
CA LEU A 112 -14.58 -22.24 -2.56
C LEU A 112 -15.29 -22.70 -3.82
N ASP A 113 -14.71 -22.41 -4.99
CA ASP A 113 -15.30 -22.88 -6.23
C ASP A 113 -15.33 -24.41 -6.33
N SER A 114 -14.36 -25.09 -5.71
CA SER A 114 -14.27 -26.56 -5.77
C SER A 114 -15.31 -27.24 -4.88
N VAL A 115 -15.75 -26.56 -3.84
CA VAL A 115 -16.74 -27.18 -2.93
C VAL A 115 -18.15 -26.61 -3.08
N ALA A 116 -18.30 -25.59 -3.94
CA ALA A 116 -19.63 -25.09 -4.33
C ALA A 116 -20.63 -26.13 -4.82
N PRO A 117 -20.21 -27.03 -5.72
CA PRO A 117 -21.16 -28.08 -6.10
C PRO A 117 -21.81 -28.87 -4.95
N LEU A 118 -21.17 -28.90 -3.78
CA LEU A 118 -21.60 -29.74 -2.66
C LEU A 118 -22.34 -29.00 -1.56
N ILE A 119 -22.11 -27.68 -1.43
CA ILE A 119 -22.66 -26.88 -0.31
C ILE A 119 -23.19 -25.51 -0.73
N THR A 126 -20.73 -17.54 4.44
CA THR A 126 -19.91 -18.43 3.60
C THR A 126 -19.21 -17.72 2.43
N GLY A 127 -17.89 -17.93 2.32
CA GLY A 127 -17.08 -17.09 1.46
C GLY A 127 -15.68 -16.90 1.99
N LEU A 128 -15.01 -15.86 1.51
CA LEU A 128 -13.58 -15.70 1.76
C LEU A 128 -13.36 -14.65 2.80
N LYS A 129 -12.70 -14.99 3.91
CA LYS A 129 -12.30 -13.97 4.83
C LYS A 129 -10.81 -13.68 4.73
N TRP A 130 -10.53 -12.40 4.47
CA TRP A 130 -9.16 -11.97 4.25
C TRP A 130 -8.40 -12.00 5.57
N PRO A 131 -7.12 -12.42 5.54
CA PRO A 131 -6.31 -12.82 4.39
C PRO A 131 -6.28 -14.29 3.98
N ASN A 132 -6.58 -15.16 4.91
CA ASN A 132 -6.28 -16.61 4.71
C ASN A 132 -7.42 -17.59 4.80
N ASP A 133 -8.66 -17.15 4.96
CA ASP A 133 -9.68 -18.10 5.39
C ASP A 133 -10.72 -18.34 4.36
N VAL A 134 -11.20 -19.59 4.31
CA VAL A 134 -12.45 -19.94 3.63
C VAL A 134 -13.44 -20.33 4.74
N LEU A 135 -14.58 -19.61 4.86
CA LEU A 135 -15.56 -19.86 5.90
C LEU A 135 -16.84 -20.42 5.31
N ALA A 136 -17.49 -21.28 6.09
CA ALA A 136 -18.81 -21.77 5.76
C ALA A 136 -19.67 -21.78 7.04
N ARG A 137 -20.80 -21.08 7.02
CA ARG A 137 -21.63 -20.99 8.21
C ARG A 137 -20.77 -20.47 9.35
N GLY A 138 -19.85 -19.55 9.04
CA GLY A 138 -19.02 -18.88 10.05
C GLY A 138 -17.84 -19.70 10.57
N GLY A 139 -17.81 -20.98 10.22
CA GLY A 139 -16.72 -21.84 10.63
C GLY A 139 -15.63 -21.86 9.57
N LYS A 140 -14.41 -22.09 10.01
CA LYS A 140 -13.26 -22.18 9.13
C LYS A 140 -13.13 -23.57 8.46
N LEU A 141 -13.48 -23.54 7.18
CA LEU A 141 -13.51 -24.73 6.33
C LEU A 141 -12.15 -25.03 5.70
N ALA A 142 -11.37 -23.98 5.47
CA ALA A 142 -10.06 -24.14 4.86
C ALA A 142 -9.20 -22.97 5.23
N GLY A 143 -7.91 -23.24 5.29
CA GLY A 143 -6.90 -22.20 5.50
C GLY A 143 -5.87 -22.23 4.39
N ILE A 144 -5.39 -21.04 4.00
CA ILE A 144 -4.48 -20.88 2.86
C ILE A 144 -3.19 -20.24 3.35
N LEU A 145 -2.05 -20.75 2.92
CA LEU A 145 -0.75 -20.13 3.31
C LEU A 145 0.18 -20.07 2.14
N ALA A 146 0.62 -18.86 1.80
CA ALA A 146 1.55 -18.65 0.69
C ALA A 146 2.86 -18.19 1.30
N GLU A 147 3.96 -18.81 0.89
CA GLU A 147 5.30 -18.47 1.42
C GLU A 147 6.22 -18.19 0.25
N VAL A 148 6.93 -17.07 0.28
CA VAL A 148 7.80 -16.71 -0.84
C VAL A 148 9.19 -17.26 -0.60
N ALA A 149 9.75 -17.84 -1.64
CA ALA A 149 11.13 -18.25 -1.65
C ALA A 149 11.59 -17.97 -3.08
N GLN A 150 11.88 -16.67 -3.34
CA GLN A 150 12.25 -16.21 -4.67
C GLN A 150 13.21 -17.24 -5.27
N PRO A 151 12.97 -17.67 -6.52
CA PRO A 151 11.97 -17.24 -7.54
C PRO A 151 10.57 -17.88 -7.47
N PHE A 152 10.27 -18.54 -6.35
CA PHE A 152 9.01 -19.26 -6.18
C PHE A 152 8.12 -18.71 -5.08
N VAL A 153 6.83 -18.98 -5.21
CA VAL A 153 5.92 -19.01 -4.07
C VAL A 153 5.41 -20.46 -3.89
N VAL A 154 5.36 -20.90 -2.64
CA VAL A 154 4.73 -22.18 -2.28
C VAL A 154 3.36 -21.82 -1.70
N LEU A 155 2.34 -22.40 -2.30
CA LEU A 155 0.98 -22.08 -2.00
C LEU A 155 0.32 -23.31 -1.39
N GLY A 156 -0.09 -23.19 -0.12
CA GLY A 156 -0.63 -24.27 0.69
C GLY A 156 -2.09 -24.17 1.04
N VAL A 157 -2.79 -25.29 0.97
CA VAL A 157 -4.22 -25.36 1.27
C VAL A 157 -4.48 -26.53 2.20
N GLY A 158 -5.10 -26.25 3.35
CA GLY A 158 -5.70 -27.25 4.26
C GLY A 158 -7.22 -27.14 4.25
N LEU A 159 -7.84 -28.10 3.57
CA LEU A 159 -9.27 -28.14 3.43
C LEU A 159 -9.92 -29.23 4.26
N ASN A 160 -10.83 -28.86 5.16
CA ASN A 160 -11.47 -29.84 6.06
C ASN A 160 -12.58 -30.57 5.34
N VAL A 161 -12.35 -31.84 5.06
CA VAL A 161 -13.31 -32.64 4.28
C VAL A 161 -14.24 -33.42 5.24
N THR A 162 -13.67 -34.24 6.13
CA THR A 162 -14.42 -34.88 7.22
C THR A 162 -13.84 -34.57 8.58
N GLN A 163 -12.89 -33.63 8.66
CA GLN A 163 -12.23 -33.29 9.90
C GLN A 163 -13.23 -32.69 10.87
N ALA A 164 -13.31 -33.23 12.07
CA ALA A 164 -14.19 -32.67 13.08
C ALA A 164 -13.54 -31.49 13.87
N PRO A 165 -14.36 -30.52 14.30
CA PRO A 165 -13.73 -29.44 15.06
C PRO A 165 -13.00 -29.95 16.31
N GLU A 166 -13.51 -30.98 16.97
CA GLU A 166 -12.84 -31.51 18.15
C GLU A 166 -11.49 -32.15 17.85
N GLU A 167 -11.24 -32.48 16.59
CA GLU A 167 -9.93 -33.02 16.20
C GLU A 167 -8.92 -31.90 15.91
N VAL A 168 -9.37 -30.70 15.57
CA VAL A 168 -8.44 -29.65 15.12
C VAL A 168 -8.54 -28.21 15.66
N ASP A 169 -9.75 -27.70 15.88
CA ASP A 169 -9.96 -26.34 16.41
C ASP A 169 -11.45 -26.17 16.60
N PRO A 170 -11.88 -25.66 17.75
CA PRO A 170 -13.30 -25.49 17.99
C PRO A 170 -14.08 -24.65 16.95
N ASP A 171 -13.40 -23.77 16.23
CA ASP A 171 -14.05 -22.84 15.29
C ASP A 171 -13.97 -23.38 13.84
N ALA A 172 -13.45 -24.60 13.69
CA ALA A 172 -13.35 -25.27 12.39
C ALA A 172 -14.74 -25.81 11.94
N THR A 173 -14.87 -26.03 10.64
CA THR A 173 -15.96 -26.86 10.14
C THR A 173 -15.40 -27.72 9.00
N SER A 174 -16.24 -28.60 8.49
CA SER A 174 -15.83 -29.50 7.42
C SER A 174 -17.02 -29.73 6.52
N LEU A 175 -16.73 -30.23 5.33
CA LEU A 175 -17.79 -30.55 4.40
C LEU A 175 -18.76 -31.53 5.06
N LEU A 176 -18.23 -32.55 5.75
CA LEU A 176 -19.15 -33.51 6.44
C LEU A 176 -20.08 -32.80 7.48
N ASP A 177 -19.49 -31.89 8.24
CA ASP A 177 -20.22 -31.18 9.30
C ASP A 177 -21.16 -30.12 8.79
N LEU A 178 -21.02 -29.81 7.51
CA LEU A 178 -21.89 -28.90 6.80
C LEU A 178 -23.01 -29.70 6.14
N GLY A 179 -23.02 -31.01 6.34
CA GLY A 179 -24.08 -31.85 5.80
C GLY A 179 -23.83 -32.56 4.48
N VAL A 180 -22.61 -32.48 3.95
CA VAL A 180 -22.27 -33.20 2.73
C VAL A 180 -22.10 -34.67 3.09
N ALA A 181 -22.85 -35.53 2.41
CA ALA A 181 -22.83 -36.97 2.67
C ALA A 181 -21.59 -37.54 2.00
N ALA A 182 -20.79 -38.27 2.77
CA ALA A 182 -19.64 -39.01 2.24
C ALA A 182 -18.86 -38.28 1.18
N PRO A 183 -18.26 -37.15 1.54
CA PRO A 183 -17.51 -36.41 0.50
C PRO A 183 -16.43 -37.24 -0.15
N ASP A 184 -16.28 -37.10 -1.47
CA ASP A 184 -15.33 -37.90 -2.25
C ASP A 184 -14.06 -37.04 -2.34
N ARG A 185 -13.06 -37.34 -1.54
CA ARG A 185 -11.87 -36.50 -1.47
C ARG A 185 -11.09 -36.52 -2.77
N ASN A 186 -11.12 -37.64 -3.50
CA ASN A 186 -10.46 -37.73 -4.80
C ASN A 186 -11.08 -36.74 -5.75
N ARG A 187 -12.40 -36.80 -5.88
CA ARG A 187 -13.07 -35.93 -6.84
C ARG A 187 -12.88 -34.47 -6.43
N ILE A 188 -12.99 -34.15 -5.14
CA ILE A 188 -12.79 -32.76 -4.68
C ILE A 188 -11.37 -32.30 -4.99
N ALA A 189 -10.42 -33.16 -4.67
CA ALA A 189 -8.99 -32.84 -4.86
C ALA A 189 -8.71 -32.57 -6.35
N SER A 190 -9.27 -33.38 -7.25
CA SER A 190 -9.05 -33.21 -8.69
C SER A 190 -9.68 -31.90 -9.16
N ARG A 191 -10.86 -31.59 -8.63
CA ARG A 191 -11.54 -30.34 -8.96
C ARG A 191 -10.73 -29.15 -8.46
N LEU A 192 -10.22 -29.27 -7.23
CA LEU A 192 -9.40 -28.21 -6.64
C LEU A 192 -8.19 -27.90 -7.48
N LEU A 193 -7.52 -28.94 -7.96
CA LEU A 193 -6.31 -28.75 -8.78
C LEU A 193 -6.65 -28.08 -10.10
N ARG A 194 -7.79 -28.45 -10.70
CA ARG A 194 -8.24 -27.83 -11.93
C ARG A 194 -8.47 -26.35 -11.71
N GLU A 195 -9.12 -26.00 -10.59
CA GLU A 195 -9.45 -24.60 -10.33
C GLU A 195 -8.23 -23.81 -9.91
N LEU A 196 -7.32 -24.41 -9.16
CA LEU A 196 -6.08 -23.70 -8.79
C LEU A 196 -5.31 -23.37 -10.08
N GLU A 197 -5.19 -24.34 -10.95
CA GLU A 197 -4.44 -24.14 -12.19
C GLU A 197 -5.05 -22.98 -12.99
N ALA A 198 -6.37 -22.99 -13.11
CA ALA A 198 -7.12 -21.96 -13.81
C ALA A 198 -6.89 -20.56 -13.19
N ARG A 199 -6.99 -20.45 -11.87
CA ARG A 199 -6.76 -19.17 -11.20
C ARG A 199 -5.30 -18.66 -11.27
N ILE A 200 -4.32 -19.56 -11.24
CA ILE A 200 -2.89 -19.16 -11.37
C ILE A 200 -2.62 -18.61 -12.78
N ILE A 201 -3.24 -19.22 -13.78
CA ILE A 201 -3.24 -18.70 -15.17
C ILE A 201 -3.82 -17.29 -15.22
N GLN A 202 -5.00 -17.07 -14.64
CA GLN A 202 -5.58 -15.73 -14.59
C GLN A 202 -4.63 -14.74 -13.94
N TRP A 203 -4.08 -15.16 -12.79
CA TRP A 203 -3.11 -14.35 -12.05
C TRP A 203 -1.92 -13.96 -12.93
N ARG A 204 -1.32 -14.94 -13.61
CA ARG A 204 -0.18 -14.65 -14.49
C ARG A 204 -0.55 -13.62 -15.54
N ASN A 205 -1.78 -13.73 -16.04
CA ASN A 205 -2.21 -12.96 -17.21
C ASN A 205 -2.74 -11.61 -16.81
N ALA A 206 -2.77 -11.35 -15.51
CA ALA A 206 -3.33 -10.12 -14.97
C ALA A 206 -4.80 -9.96 -15.38
N ASN A 207 -5.51 -11.08 -15.43
CA ASN A 207 -6.91 -11.14 -15.83
C ASN A 207 -7.80 -10.54 -14.71
N PRO A 208 -8.64 -9.55 -15.04
CA PRO A 208 -9.49 -8.89 -14.04
C PRO A 208 -10.60 -9.75 -13.44
N GLN A 209 -10.96 -10.83 -14.13
CA GLN A 209 -11.94 -11.79 -13.60
C GLN A 209 -11.49 -12.30 -12.21
N LEU A 210 -10.19 -12.45 -12.01
CA LEU A 210 -9.69 -12.96 -10.74
C LEU A 210 -10.17 -12.08 -9.56
N ALA A 211 -9.92 -10.78 -9.64
CA ALA A 211 -10.31 -9.93 -8.54
C ALA A 211 -11.83 -9.75 -8.48
N ALA A 212 -12.49 -9.78 -9.62
CA ALA A 212 -13.94 -9.68 -9.67
C ALA A 212 -14.55 -10.90 -8.99
N ASP A 213 -14.00 -12.07 -9.30
CA ASP A 213 -14.57 -13.31 -8.75
C ASP A 213 -14.30 -13.37 -7.24
N TYR A 214 -13.15 -12.87 -6.83
CA TYR A 214 -12.80 -12.85 -5.40
C TYR A 214 -13.79 -11.93 -4.65
N ARG A 215 -14.00 -10.72 -5.18
CA ARG A 215 -14.99 -9.79 -4.61
C ARG A 215 -16.34 -10.48 -4.43
N ALA A 216 -16.79 -11.16 -5.48
CA ALA A 216 -18.11 -11.81 -5.43
C ALA A 216 -18.24 -12.84 -4.33
N ARG A 217 -17.13 -13.38 -3.83
CA ARG A 217 -17.17 -14.31 -2.72
C ARG A 217 -16.62 -13.74 -1.43
N SER A 218 -16.28 -12.45 -1.42
CA SER A 218 -15.63 -11.86 -0.26
C SER A 218 -16.60 -11.53 0.85
N LEU A 219 -16.31 -12.06 2.05
CA LEU A 219 -17.01 -11.66 3.28
C LEU A 219 -16.44 -10.37 3.89
N THR A 220 -15.17 -10.11 3.62
CA THR A 220 -14.47 -9.02 4.28
C THR A 220 -14.75 -7.69 3.62
N ILE A 221 -14.76 -7.69 2.28
CA ILE A 221 -14.83 -6.40 1.57
C ILE A 221 -16.18 -5.75 1.81
N GLY A 222 -16.17 -4.48 2.22
CA GLY A 222 -17.40 -3.82 2.54
C GLY A 222 -17.83 -3.92 4.00
N SER A 223 -17.11 -4.70 4.80
CA SER A 223 -17.43 -4.93 6.20
C SER A 223 -16.79 -3.91 7.12
N ARG A 224 -17.49 -3.64 8.22
CA ARG A 224 -16.85 -3.04 9.39
C ARG A 224 -15.91 -4.05 10.00
N VAL A 225 -14.66 -3.64 10.18
CA VAL A 225 -13.67 -4.57 10.69
C VAL A 225 -12.78 -3.90 11.69
N ARG A 226 -12.14 -4.72 12.52
CA ARG A 226 -11.02 -4.27 13.34
C ARG A 226 -9.79 -4.97 12.84
N VAL A 227 -8.78 -4.19 12.48
CA VAL A 227 -7.50 -4.76 12.12
C VAL A 227 -6.65 -4.79 13.37
N GLU A 228 -6.15 -5.97 13.72
CA GLU A 228 -5.37 -6.10 14.91
C GLU A 228 -3.88 -6.20 14.61
N LEU A 229 -3.12 -5.26 15.14
CA LEU A 229 -1.68 -5.17 14.89
C LEU A 229 -0.89 -5.48 16.16
N PRO A 230 0.38 -5.91 16.00
CA PRO A 230 1.28 -6.14 17.12
C PRO A 230 1.34 -4.99 18.10
N GLY A 231 1.64 -5.32 19.36
CA GLY A 231 1.61 -4.38 20.45
C GLY A 231 0.23 -4.08 20.99
N GLY A 232 -0.72 -4.98 20.73
CA GLY A 232 -2.10 -4.79 21.18
C GLY A 232 -2.76 -3.59 20.52
N GLN A 233 -2.36 -3.33 19.29
CA GLN A 233 -2.88 -2.17 18.58
C GLN A 233 -4.03 -2.56 17.67
N ASP A 234 -4.90 -1.60 17.43
CA ASP A 234 -5.97 -1.85 16.51
C ASP A 234 -6.43 -0.61 15.79
N VAL A 235 -7.03 -0.86 14.64
CA VAL A 235 -7.62 0.19 13.82
C VAL A 235 -8.98 -0.38 13.37
N VAL A 236 -10.02 0.39 13.63
CA VAL A 236 -11.39 0.04 13.28
C VAL A 236 -11.82 0.91 12.12
N GLY A 237 -12.46 0.30 11.12
CA GLY A 237 -12.83 1.05 9.93
C GLY A 237 -13.55 0.13 8.95
N ILE A 238 -13.65 0.56 7.70
CA ILE A 238 -14.33 -0.22 6.69
C ILE A 238 -13.31 -0.84 5.73
N ALA A 239 -13.41 -2.15 5.51
CA ALA A 239 -12.53 -2.83 4.59
C ALA A 239 -12.99 -2.35 3.24
N ARG A 240 -12.35 -1.31 2.71
CA ARG A 240 -12.83 -0.68 1.50
C ARG A 240 -12.64 -1.58 0.26
N ASP A 241 -11.44 -2.10 0.12
CA ASP A 241 -11.09 -2.98 -0.98
C ASP A 241 -9.81 -3.80 -0.72
N ILE A 242 -9.51 -4.71 -1.65
CA ILE A 242 -8.20 -5.36 -1.71
C ILE A 242 -7.49 -4.75 -2.87
N ASP A 243 -6.23 -4.38 -2.67
CA ASP A 243 -5.50 -3.66 -3.68
C ASP A 243 -4.82 -4.63 -4.63
N ASP A 244 -4.11 -4.09 -5.59
CA ASP A 244 -3.49 -4.96 -6.60
C ASP A 244 -2.29 -5.77 -6.06
N GLN A 245 -1.84 -5.52 -4.83
CA GLN A 245 -0.84 -6.37 -4.16
C GLN A 245 -1.45 -7.43 -3.21
N GLY A 246 -2.78 -7.51 -3.13
CA GLY A 246 -3.48 -8.47 -2.26
C GLY A 246 -3.67 -7.99 -0.82
N ARG A 247 -3.50 -6.68 -0.59
CA ARG A 247 -3.49 -6.14 0.75
C ARG A 247 -4.86 -5.49 1.02
N LEU A 248 -5.24 -5.50 2.29
CA LEU A 248 -6.49 -4.91 2.67
C LEU A 248 -6.34 -3.40 2.85
N CYS A 249 -7.25 -2.66 2.19
CA CYS A 249 -7.32 -1.18 2.27
C CYS A 249 -8.45 -0.77 3.21
N LEU A 250 -8.07 -0.32 4.39
CA LEU A 250 -9.02 0.04 5.47
C LEU A 250 -9.30 1.51 5.38
N ASP A 251 -10.59 1.89 5.26
CA ASP A 251 -10.97 3.29 5.29
C ASP A 251 -11.18 3.68 6.74
N VAL A 252 -10.46 4.70 7.19
CA VAL A 252 -10.61 5.22 8.53
C VAL A 252 -10.88 6.74 8.40
N GLY A 253 -12.14 7.08 8.25
CA GLY A 253 -12.54 8.50 8.20
C GLY A 253 -11.99 9.22 6.97
N GLY A 254 -11.82 8.49 5.87
CA GLY A 254 -11.26 9.06 4.65
C GLY A 254 -9.78 8.74 4.42
N ARG A 255 -9.06 8.39 5.48
CA ARG A 255 -7.65 8.06 5.41
C ARG A 255 -7.56 6.55 5.22
N THR A 256 -6.59 6.10 4.44
CA THR A 256 -6.40 4.70 4.13
C THR A 256 -5.25 4.14 4.94
N VAL A 257 -5.50 3.00 5.58
CA VAL A 257 -4.52 2.20 6.29
C VAL A 257 -4.47 0.88 5.49
N VAL A 258 -3.32 0.59 4.91
CA VAL A 258 -3.16 -0.61 4.12
C VAL A 258 -2.38 -1.64 4.89
N VAL A 259 -2.96 -2.81 5.09
CA VAL A 259 -2.29 -3.87 5.85
C VAL A 259 -2.03 -5.05 4.96
N SER A 260 -0.85 -5.61 5.10
CA SER A 260 -0.39 -6.60 4.17
C SER A 260 -0.83 -7.97 4.63
N ALA A 261 -1.08 -8.14 5.93
CA ALA A 261 -1.36 -9.45 6.49
C ALA A 261 -2.00 -9.33 7.88
N GLY A 262 -1.74 -10.27 8.76
CA GLY A 262 -2.21 -10.17 10.14
C GLY A 262 -3.72 -10.26 10.31
N ASP A 263 -4.16 -9.96 11.51
CA ASP A 263 -5.47 -10.38 11.96
C ASP A 263 -6.48 -9.32 11.65
N VAL A 264 -7.67 -9.77 11.24
CA VAL A 264 -8.80 -8.91 10.87
C VAL A 264 -10.03 -9.53 11.51
N VAL A 265 -10.82 -8.75 12.24
CA VAL A 265 -12.03 -9.23 12.90
C VAL A 265 -13.25 -8.56 12.31
N HIS A 266 -14.24 -9.32 11.87
CA HIS A 266 -15.48 -8.76 11.36
C HIS A 266 -16.34 -8.43 12.58
N LEU A 267 -16.71 -7.16 12.70
CA LEU A 267 -17.46 -6.66 13.87
C LEU A 267 -18.98 -6.88 13.78
N ASP B 5 8.09 47.26 12.63
CA ASP B 5 7.11 46.41 11.94
C ASP B 5 7.81 45.74 10.79
N ARG B 6 7.69 44.43 10.72
CA ARG B 6 8.25 43.71 9.61
C ARG B 6 7.54 44.16 8.34
N ASP B 7 6.28 44.57 8.44
CA ASP B 7 5.52 44.74 7.20
C ASP B 7 6.04 45.91 6.38
N ARG B 8 6.61 46.93 7.06
CA ARG B 8 7.20 48.08 6.38
C ARG B 8 8.53 47.80 5.68
N LEU B 9 9.09 46.61 5.90
CA LEU B 9 10.40 46.28 5.36
C LEU B 9 10.43 44.99 4.53
N ARG B 10 9.29 44.63 3.94
CA ARG B 10 9.20 43.48 3.04
C ARG B 10 9.05 43.96 1.60
N PRO B 11 10.14 43.88 0.83
CA PRO B 11 9.98 44.36 -0.54
C PRO B 11 9.08 43.49 -1.34
N PRO B 12 8.50 44.06 -2.40
CA PRO B 12 7.72 43.22 -3.28
C PRO B 12 8.59 42.36 -4.19
N LEU B 13 8.00 41.33 -4.77
CA LEU B 13 8.66 40.61 -5.85
C LEU B 13 8.69 41.47 -7.11
N ASP B 14 9.59 41.08 -8.01
CA ASP B 14 9.83 41.75 -9.27
C ASP B 14 9.47 40.72 -10.33
N GLU B 15 8.23 40.80 -10.79
CA GLU B 15 7.69 39.86 -11.75
C GLU B 15 8.57 39.87 -12.99
N ARG B 16 9.00 41.06 -13.36
CA ARG B 16 9.71 41.23 -14.62
C ARG B 16 11.04 40.50 -14.53
N SER B 17 11.70 40.66 -13.40
CA SER B 17 12.97 40.03 -13.13
C SER B 17 12.81 38.51 -13.09
N LEU B 18 11.76 38.04 -12.44
CA LEU B 18 11.48 36.58 -12.37
C LEU B 18 11.24 35.99 -13.75
N ARG B 19 10.46 36.69 -14.57
CA ARG B 19 10.25 36.27 -15.96
C ARG B 19 11.57 36.21 -16.73
N ASP B 20 12.41 37.23 -16.55
CA ASP B 20 13.69 37.32 -17.28
C ASP B 20 14.56 36.13 -16.94
N GLN B 21 14.52 35.74 -15.67
CA GLN B 21 15.35 34.66 -15.17
C GLN B 21 14.86 33.28 -15.55
N LEU B 22 13.55 33.11 -15.68
CA LEU B 22 12.97 31.77 -15.71
C LEU B 22 12.24 31.41 -16.99
N ILE B 23 11.73 32.39 -17.72
CA ILE B 23 10.98 32.10 -18.93
C ILE B 23 11.85 32.43 -20.15
N GLY B 26 16.13 31.07 -18.88
CA GLY B 26 16.81 30.44 -17.75
C GLY B 26 16.13 29.24 -17.10
N SER B 27 14.96 28.81 -17.62
CA SER B 27 14.29 27.58 -17.16
C SER B 27 13.35 26.96 -18.22
N GLY B 28 12.55 25.96 -17.85
CA GLY B 28 11.57 25.33 -18.78
C GLY B 28 10.11 25.69 -18.48
N TRP B 29 9.91 26.53 -17.47
CA TRP B 29 8.59 27.08 -17.09
C TRP B 29 8.05 27.94 -18.22
N ARG B 30 6.77 27.83 -18.50
CA ARG B 30 6.18 28.40 -19.72
C ARG B 30 5.55 29.76 -19.51
N GLN B 31 5.00 29.97 -18.32
CA GLN B 31 4.29 31.20 -17.96
C GLN B 31 4.50 31.48 -16.47
N LEU B 32 4.66 32.75 -16.10
CA LEU B 32 4.79 33.13 -14.67
C LEU B 32 4.07 34.44 -14.44
N ASP B 33 3.23 34.46 -13.42
CA ASP B 33 2.49 35.67 -13.05
C ASP B 33 2.63 35.86 -11.54
N VAL B 34 2.81 37.12 -11.14
CA VAL B 34 2.75 37.52 -9.72
C VAL B 34 1.46 38.30 -9.54
N VAL B 35 0.59 37.82 -8.68
CA VAL B 35 -0.63 38.53 -8.34
C VAL B 35 -0.50 39.17 -6.95
N ALA B 36 -1.00 40.38 -6.81
CA ALA B 36 -0.87 41.08 -5.52
C ALA B 36 -1.65 40.38 -4.41
N GLN B 37 -2.86 39.91 -4.68
CA GLN B 37 -3.71 39.30 -3.65
C GLN B 37 -4.63 38.29 -4.30
N THR B 38 -4.67 37.10 -3.73
CA THR B 38 -5.68 36.13 -4.14
C THR B 38 -6.14 35.35 -2.92
N GLY B 39 -7.18 34.52 -3.12
CA GLY B 39 -7.67 33.66 -2.06
C GLY B 39 -6.73 32.48 -1.81
N SER B 40 -6.43 31.79 -2.90
CA SER B 40 -5.57 30.62 -2.89
C SER B 40 -4.98 30.43 -4.28
N THR B 41 -3.66 30.39 -4.40
CA THR B 41 -3.02 30.13 -5.71
C THR B 41 -3.33 28.72 -6.22
N ASN B 42 -3.40 27.78 -5.32
CA ASN B 42 -3.89 26.43 -5.67
C ASN B 42 -5.30 26.48 -6.26
N ALA B 43 -6.22 27.17 -5.58
CA ALA B 43 -7.59 27.33 -6.09
C ALA B 43 -7.62 27.93 -7.50
N ASP B 44 -6.76 28.92 -7.70
CA ASP B 44 -6.74 29.59 -8.98
C ASP B 44 -6.31 28.66 -10.11
N LEU B 45 -5.24 27.90 -9.93
CA LEU B 45 -4.77 27.05 -11.04
C LEU B 45 -5.70 25.90 -11.27
N LEU B 46 -6.23 25.35 -10.18
CA LEU B 46 -7.27 24.30 -10.31
C LEU B 46 -8.47 24.77 -11.14
N ALA B 47 -8.91 26.00 -10.91
CA ALA B 47 -9.97 26.65 -11.67
C ALA B 47 -9.65 26.79 -13.15
N ARG B 48 -8.41 27.17 -13.44
CA ARG B 48 -7.93 27.23 -14.81
C ARG B 48 -7.95 25.86 -15.48
N ALA B 49 -7.50 24.82 -14.77
CA ALA B 49 -7.55 23.45 -15.30
C ALA B 49 -8.99 23.02 -15.60
N ALA B 50 -9.91 23.35 -14.68
CA ALA B 50 -11.33 23.00 -14.77
C ALA B 50 -11.97 23.56 -16.00
N SER B 51 -11.39 24.64 -16.52
CA SER B 51 -11.90 25.26 -17.75
C SER B 51 -11.43 24.55 -19.02
N GLY B 52 -10.51 23.61 -18.89
CA GLY B 52 -9.92 22.94 -20.06
C GLY B 52 -8.54 23.43 -20.45
N ALA B 53 -8.08 24.50 -19.83
CA ALA B 53 -6.75 25.08 -20.11
C ALA B 53 -5.59 24.15 -19.73
N ASP B 54 -4.48 24.25 -20.49
CA ASP B 54 -3.31 23.39 -20.27
C ASP B 54 -2.36 24.11 -19.35
N ILE B 55 -2.41 23.77 -18.05
CA ILE B 55 -1.61 24.47 -17.06
C ILE B 55 -0.22 23.87 -16.83
N ASP B 56 0.22 22.93 -17.66
CA ASP B 56 1.58 22.44 -17.51
C ASP B 56 2.56 23.61 -17.64
N GLY B 57 3.49 23.72 -16.70
CA GLY B 57 4.54 24.73 -16.83
C GLY B 57 4.13 26.15 -16.46
N VAL B 58 2.93 26.29 -15.90
CA VAL B 58 2.44 27.60 -15.50
C VAL B 58 2.76 27.84 -14.06
N VAL B 59 3.24 29.04 -13.78
CA VAL B 59 3.64 29.41 -12.43
C VAL B 59 2.75 30.57 -12.00
N LEU B 60 2.19 30.46 -10.78
CA LEU B 60 1.41 31.54 -10.18
C LEU B 60 1.96 31.84 -8.80
N ILE B 61 2.40 33.09 -8.58
CA ILE B 61 2.91 33.51 -7.25
C ILE B 61 1.97 34.60 -6.73
N ALA B 62 1.64 34.56 -5.44
CA ALA B 62 0.75 35.58 -4.81
C ALA B 62 1.55 36.32 -3.76
N GLU B 63 1.55 37.65 -3.78
CA GLU B 63 2.17 38.38 -2.68
C GLU B 63 1.42 38.19 -1.39
N HIS B 64 0.11 38.09 -1.48
CA HIS B 64 -0.67 37.86 -0.31
C HIS B 64 -1.74 36.86 -0.68
N GLN B 65 -2.05 35.96 0.25
CA GLN B 65 -3.05 34.92 0.04
C GLN B 65 -3.97 34.90 1.25
N THR B 66 -5.25 35.00 0.97
CA THR B 66 -6.23 35.45 1.93
C THR B 66 -7.14 34.25 2.40
N ALA B 67 -7.11 33.12 1.69
CA ALA B 67 -7.91 31.95 2.04
C ALA B 67 -7.10 30.71 1.67
N GLY B 68 -5.89 30.64 2.22
CA GLY B 68 -4.95 29.60 1.89
C GLY B 68 -5.38 28.25 2.35
N ARG B 69 -4.99 27.24 1.59
CA ARG B 69 -5.34 25.86 1.82
C ARG B 69 -4.20 25.06 2.43
N GLY B 70 -4.48 24.40 3.54
CA GLY B 70 -3.63 23.35 4.04
C GLY B 70 -4.29 22.06 3.59
N ARG B 71 -3.90 20.96 4.21
CA ARG B 71 -4.44 19.66 3.77
C ARG B 71 -5.57 19.23 4.66
N HIS B 72 -6.43 18.37 4.13
CA HIS B 72 -7.52 17.75 4.86
C HIS B 72 -8.35 18.74 5.67
N GLY B 73 -8.69 19.86 5.04
CA GLY B 73 -9.55 20.89 5.63
C GLY B 73 -8.87 21.98 6.39
N ARG B 74 -7.56 21.84 6.65
CA ARG B 74 -6.87 22.87 7.39
C ARG B 74 -6.55 24.02 6.44
N GLY B 75 -6.12 25.14 7.02
CA GLY B 75 -5.80 26.33 6.29
C GLY B 75 -4.29 26.60 6.15
N TRP B 76 -3.99 27.71 5.51
CA TRP B 76 -2.63 28.28 5.45
C TRP B 76 -2.73 29.79 5.63
N ALA B 77 -2.01 30.33 6.61
CA ALA B 77 -2.07 31.76 6.94
C ALA B 77 -0.89 32.47 6.32
N ALA B 78 -1.12 33.73 5.97
CA ALA B 78 -0.06 34.55 5.46
C ALA B 78 -0.35 36.02 5.67
N THR B 79 0.72 36.82 5.66
CA THR B 79 0.54 38.27 5.46
C THR B 79 1.31 38.66 4.25
N ALA B 80 1.01 39.85 3.72
CA ALA B 80 1.54 40.20 2.41
C ALA B 80 3.08 40.29 2.42
N ARG B 81 3.69 39.76 1.37
CA ARG B 81 5.13 39.85 1.12
C ARG B 81 6.05 39.13 2.12
N ALA B 82 5.48 38.31 3.02
CA ALA B 82 6.20 37.66 4.10
C ALA B 82 6.64 36.25 3.69
N GLN B 83 5.99 35.71 2.65
CA GLN B 83 6.24 34.37 2.15
C GLN B 83 6.51 34.32 0.68
N ILE B 84 7.04 33.18 0.23
CA ILE B 84 6.92 32.79 -1.20
C ILE B 84 5.73 31.87 -1.22
N ILE B 85 4.69 32.33 -1.91
CA ILE B 85 3.42 31.58 -2.01
C ILE B 85 3.21 31.26 -3.47
N LEU B 86 3.30 30.00 -3.84
CA LEU B 86 3.20 29.72 -5.27
C LEU B 86 2.61 28.39 -5.58
N SER B 87 1.98 28.36 -6.75
CA SER B 87 1.50 27.10 -7.30
C SER B 87 2.05 26.96 -8.71
N VAL B 88 2.35 25.73 -9.06
CA VAL B 88 2.75 25.37 -10.40
C VAL B 88 1.88 24.22 -10.91
N GLY B 89 1.72 24.16 -12.22
CA GLY B 89 1.04 23.07 -12.87
C GLY B 89 1.97 22.06 -13.46
N VAL B 90 1.60 20.80 -13.30
CA VAL B 90 2.37 19.70 -13.85
C VAL B 90 1.44 18.70 -14.56
N ARG B 91 1.70 18.45 -15.83
CA ARG B 91 1.06 17.34 -16.54
C ARG B 91 1.60 15.98 -16.08
N VAL B 92 0.68 15.07 -15.75
CA VAL B 92 1.04 13.83 -15.10
C VAL B 92 0.64 12.56 -15.84
N VAL B 93 -0.23 12.64 -16.86
CA VAL B 93 -0.74 11.43 -17.52
C VAL B 93 0.36 10.47 -17.98
N ASP B 94 1.39 11.03 -18.62
CA ASP B 94 2.53 10.27 -19.17
C ASP B 94 3.28 9.47 -18.10
N VAL B 95 2.99 9.75 -16.84
CA VAL B 95 3.64 9.12 -15.70
C VAL B 95 2.64 8.19 -15.02
N PRO B 96 3.09 7.01 -14.56
CA PRO B 96 2.30 6.14 -13.72
C PRO B 96 1.43 6.89 -12.71
N VAL B 97 0.21 6.39 -12.57
CA VAL B 97 -0.95 7.15 -12.13
C VAL B 97 -1.56 6.52 -10.85
N GLN B 98 -1.04 6.82 -9.66
CA GLN B 98 -0.17 7.95 -9.38
C GLN B 98 1.03 7.69 -8.48
N ALA B 99 2.19 7.67 -9.13
CA ALA B 99 3.43 8.21 -8.58
C ALA B 99 3.21 9.71 -8.37
N TRP B 100 2.09 10.22 -8.84
CA TRP B 100 1.67 11.58 -8.59
C TRP B 100 1.79 11.97 -7.10
N GLY B 101 1.73 10.98 -6.20
CA GLY B 101 1.92 11.22 -4.78
C GLY B 101 3.32 11.70 -4.37
N TRP B 102 4.27 11.57 -5.28
CA TRP B 102 5.65 11.98 -5.01
C TRP B 102 5.94 13.43 -5.32
N LEU B 103 5.02 14.10 -6.01
CA LEU B 103 5.29 15.50 -6.37
C LEU B 103 5.33 16.43 -5.16
N SER B 104 4.45 16.24 -4.19
CA SER B 104 4.58 16.97 -2.92
C SER B 104 5.96 16.76 -2.25
N LEU B 105 6.43 15.51 -2.24
CA LEU B 105 7.72 15.16 -1.64
C LEU B 105 8.90 15.79 -2.39
N ALA B 106 8.89 15.73 -3.72
CA ALA B 106 9.86 16.41 -4.57
C ALA B 106 9.92 17.88 -4.30
N ALA B 107 8.76 18.49 -4.07
CA ALA B 107 8.71 19.92 -3.84
C ALA B 107 9.33 20.30 -2.51
N GLY B 108 9.10 19.47 -1.50
CA GLY B 108 9.76 19.64 -0.22
C GLY B 108 11.28 19.61 -0.36
N LEU B 109 11.78 18.66 -1.13
CA LEU B 109 13.21 18.53 -1.40
C LEU B 109 13.71 19.80 -2.11
N ALA B 110 12.99 20.23 -3.16
CA ALA B 110 13.30 21.50 -3.84
C ALA B 110 13.35 22.70 -2.89
N VAL B 111 12.42 22.79 -1.95
CA VAL B 111 12.47 23.86 -0.96
C VAL B 111 13.80 23.74 -0.15
N LEU B 112 14.09 22.58 0.39
CA LEU B 112 15.34 22.39 1.13
C LEU B 112 16.56 22.65 0.20
N ASP B 113 16.50 22.17 -1.05
CA ASP B 113 17.56 22.40 -2.03
C ASP B 113 17.87 23.90 -2.02
N SER B 114 16.82 24.72 -2.02
CA SER B 114 16.91 26.18 -2.25
C SER B 114 17.29 27.02 -1.04
N VAL B 115 16.96 26.56 0.16
CA VAL B 115 17.23 27.35 1.34
C VAL B 115 18.37 26.81 2.22
N ALA B 116 18.60 25.51 2.18
CA ALA B 116 19.58 24.89 3.09
C ALA B 116 20.90 25.68 3.20
N PRO B 117 21.50 26.05 2.04
CA PRO B 117 22.68 26.91 1.92
C PRO B 117 22.63 28.30 2.58
N LEU B 118 21.45 28.89 2.71
CA LEU B 118 21.28 30.13 3.46
C LEU B 118 21.26 29.92 4.97
N ILE B 119 20.81 28.74 5.39
CA ILE B 119 20.63 28.48 6.82
C ILE B 119 21.92 28.09 7.55
N ALA B 124 21.62 18.00 9.46
CA ALA B 124 20.74 17.31 10.41
C ALA B 124 19.61 18.23 10.92
N GLU B 125 19.91 19.53 11.03
CA GLU B 125 19.02 20.51 11.67
C GLU B 125 17.88 21.02 10.78
N THR B 126 17.88 20.63 9.51
CA THR B 126 16.71 20.84 8.68
C THR B 126 16.30 19.51 8.08
N GLY B 127 15.07 19.42 7.59
CA GLY B 127 14.69 18.21 6.92
C GLY B 127 13.23 18.16 6.53
N LEU B 128 12.81 16.99 6.05
CA LEU B 128 11.44 16.82 5.57
C LEU B 128 10.64 15.94 6.52
N LYS B 129 9.48 16.45 6.96
CA LYS B 129 8.58 15.67 7.80
C LYS B 129 7.38 15.31 6.99
N TRP B 130 7.17 14.01 6.83
CA TRP B 130 6.13 13.48 5.95
C TRP B 130 4.77 13.72 6.64
N PRO B 131 3.75 14.07 5.84
CA PRO B 131 3.76 14.24 4.37
C PRO B 131 4.01 15.61 3.76
N ASN B 132 3.83 16.66 4.53
CA ASN B 132 3.66 17.99 3.92
C ASN B 132 4.63 19.04 4.36
N ASP B 133 5.60 18.70 5.23
CA ASP B 133 6.36 19.70 5.99
C ASP B 133 7.83 19.78 5.61
N VAL B 134 8.34 21.02 5.57
CA VAL B 134 9.78 21.28 5.68
C VAL B 134 10.03 21.89 7.03
N LEU B 135 10.88 21.24 7.84
CA LEU B 135 11.21 21.72 9.19
C LEU B 135 12.63 22.26 9.25
N ALA B 136 12.82 23.29 10.06
CA ALA B 136 14.15 23.87 10.33
C ALA B 136 14.20 24.14 11.82
N ARG B 137 15.16 23.53 12.51
CA ARG B 137 15.26 23.63 13.97
C ARG B 137 13.93 23.30 14.69
N GLY B 138 13.20 22.31 14.15
CA GLY B 138 11.90 21.95 14.71
C GLY B 138 10.70 22.73 14.25
N GLY B 139 10.90 23.94 13.71
CA GLY B 139 9.78 24.78 13.30
C GLY B 139 9.40 24.57 11.86
N LYS B 140 8.13 24.82 11.55
CA LYS B 140 7.61 24.60 10.21
C LYS B 140 7.91 25.78 9.29
N LEU B 141 8.89 25.52 8.43
CA LEU B 141 9.46 26.54 7.50
C LEU B 141 8.66 26.66 6.25
N ALA B 142 8.05 25.55 5.83
CA ALA B 142 7.22 25.54 4.64
C ALA B 142 6.24 24.41 4.68
N GLY B 143 5.17 24.58 3.91
CA GLY B 143 4.10 23.61 3.76
C GLY B 143 3.86 23.42 2.28
N ILE B 144 3.61 22.19 1.87
CA ILE B 144 3.43 21.84 0.48
C ILE B 144 2.07 21.20 0.35
N LEU B 145 1.36 21.48 -0.75
CA LEU B 145 0.03 20.91 -1.02
C LEU B 145 -0.06 20.60 -2.51
N ALA B 146 -0.24 19.32 -2.85
CA ALA B 146 -0.46 18.93 -4.24
C ALA B 146 -1.91 18.50 -4.34
N GLU B 147 -2.58 18.95 -5.39
CA GLU B 147 -3.99 18.62 -5.59
C GLU B 147 -4.12 18.17 -7.05
N VAL B 148 -4.72 17.01 -7.24
CA VAL B 148 -4.79 16.40 -8.57
C VAL B 148 -6.02 16.88 -9.34
N ALA B 149 -5.86 17.00 -10.64
CA ALA B 149 -6.99 17.34 -11.52
C ALA B 149 -6.55 16.83 -12.85
N GLN B 150 -6.69 15.52 -13.00
CA GLN B 150 -6.22 14.84 -14.19
C GLN B 150 -6.59 15.64 -15.44
N PRO B 151 -5.64 15.78 -16.37
CA PRO B 151 -4.35 15.12 -16.40
C PRO B 151 -3.24 15.97 -15.74
N PHE B 152 -3.61 16.87 -14.83
CA PHE B 152 -2.63 17.71 -14.11
C PHE B 152 -2.57 17.51 -12.61
N VAL B 153 -1.45 17.94 -12.03
CA VAL B 153 -1.36 18.17 -10.60
C VAL B 153 -1.05 19.67 -10.40
N VAL B 154 -1.73 20.29 -9.44
CA VAL B 154 -1.42 21.63 -8.99
C VAL B 154 -0.59 21.48 -7.72
N LEU B 155 0.63 21.97 -7.78
CA LEU B 155 1.60 21.78 -6.73
C LEU B 155 1.86 23.13 -6.07
N GLY B 156 1.53 23.23 -4.80
CA GLY B 156 1.66 24.47 -4.06
C GLY B 156 2.66 24.44 -2.95
N VAL B 157 3.33 25.57 -2.78
CA VAL B 157 4.34 25.73 -1.76
C VAL B 157 4.13 27.05 -1.06
N GLY B 158 4.13 27.03 0.26
CA GLY B 158 4.17 28.23 1.05
C GLY B 158 5.43 28.18 1.90
N LEU B 159 6.36 29.09 1.63
CA LEU B 159 7.66 29.14 2.30
C LEU B 159 7.76 30.42 3.10
N ASN B 160 8.01 30.28 4.40
CA ASN B 160 8.12 31.42 5.28
C ASN B 160 9.47 32.08 5.13
N VAL B 161 9.49 33.28 4.59
CA VAL B 161 10.74 34.01 4.40
C VAL B 161 11.04 34.99 5.56
N THR B 162 10.14 35.93 5.81
CA THR B 162 10.21 36.81 6.96
C THR B 162 8.98 36.67 7.84
N GLN B 163 8.09 35.71 7.55
CA GLN B 163 6.85 35.58 8.27
C GLN B 163 7.16 35.17 9.71
N ALA B 164 6.66 35.92 10.67
CA ALA B 164 6.87 35.59 12.06
C ALA B 164 5.84 34.56 12.51
N PRO B 165 6.23 33.63 13.41
CA PRO B 165 5.27 32.65 13.93
C PRO B 165 4.05 33.37 14.51
N GLU B 166 4.25 34.51 15.16
CA GLU B 166 3.13 35.24 15.78
C GLU B 166 2.13 35.77 14.78
N GLU B 167 2.54 35.87 13.51
CA GLU B 167 1.65 36.29 12.42
C GLU B 167 0.79 35.13 11.84
N VAL B 168 1.26 33.89 11.96
CA VAL B 168 0.65 32.78 11.28
C VAL B 168 0.35 31.52 12.10
N ASP B 169 1.29 31.06 12.93
CA ASP B 169 1.12 29.79 13.68
C ASP B 169 2.27 29.67 14.64
N PRO B 170 2.00 29.30 15.91
CA PRO B 170 3.05 29.32 16.92
C PRO B 170 4.19 28.33 16.73
N ASP B 171 3.96 27.29 15.92
CA ASP B 171 4.99 26.32 15.57
C ASP B 171 5.71 26.56 14.22
N ALA B 172 5.44 27.68 13.58
CA ALA B 172 6.12 28.03 12.33
C ALA B 172 7.50 28.61 12.58
N THR B 173 8.32 28.66 11.53
CA THR B 173 9.56 29.41 11.56
C THR B 173 9.74 29.99 10.16
N SER B 174 10.73 30.87 10.03
CA SER B 174 11.02 31.53 8.76
C SER B 174 12.52 31.71 8.61
N LEU B 175 12.96 32.01 7.39
CA LEU B 175 14.38 32.18 7.18
C LEU B 175 14.93 33.32 8.06
N LEU B 176 14.16 34.38 8.20
CA LEU B 176 14.53 35.46 9.09
C LEU B 176 14.68 34.99 10.54
N ASP B 177 13.71 34.23 11.00
CA ASP B 177 13.72 33.78 12.39
C ASP B 177 14.82 32.73 12.67
N LEU B 178 15.33 32.13 11.62
CA LEU B 178 16.45 31.21 11.70
C LEU B 178 17.80 31.93 11.60
N GLY B 179 17.76 33.25 11.52
CA GLY B 179 18.97 34.08 11.52
C GLY B 179 19.52 34.41 10.13
N VAL B 180 18.73 34.20 9.08
CA VAL B 180 19.17 34.58 7.73
C VAL B 180 18.99 36.09 7.62
N ALA B 181 20.03 36.84 7.25
CA ALA B 181 19.87 38.30 7.16
C ALA B 181 19.18 38.70 5.88
N ALA B 182 18.19 39.59 6.00
CA ALA B 182 17.47 40.22 4.85
C ALA B 182 17.34 39.29 3.67
N PRO B 183 16.56 38.22 3.83
CA PRO B 183 16.57 37.26 2.74
C PRO B 183 16.06 37.83 1.44
N ASP B 184 16.68 37.47 0.31
CA ASP B 184 16.30 38.03 -0.99
C ASP B 184 15.20 37.17 -1.58
N ARG B 185 13.96 37.62 -1.47
CA ARG B 185 12.82 36.73 -1.83
C ARG B 185 12.79 36.45 -3.34
N ASN B 186 13.20 37.44 -4.13
CA ASN B 186 13.25 37.29 -5.58
C ASN B 186 14.30 36.26 -5.95
N ARG B 187 15.48 36.37 -5.34
CA ARG B 187 16.52 35.37 -5.60
C ARG B 187 16.09 34.00 -5.15
N ILE B 188 15.48 33.92 -3.98
CA ILE B 188 15.05 32.63 -3.45
C ILE B 188 13.96 32.00 -4.32
N ALA B 189 13.02 32.82 -4.77
CA ALA B 189 11.92 32.33 -5.65
C ALA B 189 12.46 31.73 -6.94
N SER B 190 13.42 32.41 -7.51
CA SER B 190 14.05 31.95 -8.77
C SER B 190 14.73 30.62 -8.54
N ARG B 191 15.49 30.53 -7.45
CA ARG B 191 16.19 29.28 -7.15
C ARG B 191 15.21 28.19 -6.91
N LEU B 192 14.15 28.47 -6.13
CA LEU B 192 13.12 27.45 -5.84
C LEU B 192 12.51 26.89 -7.10
N LEU B 193 12.15 27.76 -8.03
CA LEU B 193 11.53 27.37 -9.30
C LEU B 193 12.51 26.52 -10.16
N ARG B 194 13.80 26.87 -10.13
CA ARG B 194 14.79 26.04 -10.79
C ARG B 194 14.93 24.64 -10.18
N GLU B 195 14.96 24.57 -8.86
CA GLU B 195 15.08 23.30 -8.18
C GLU B 195 13.81 22.50 -8.35
N LEU B 196 12.68 23.19 -8.32
CA LEU B 196 11.42 22.52 -8.51
C LEU B 196 11.37 21.87 -9.89
N GLU B 197 11.81 22.58 -10.92
CA GLU B 197 11.88 22.02 -12.26
C GLU B 197 12.80 20.79 -12.28
N ALA B 198 13.96 20.90 -11.63
CA ALA B 198 14.92 19.81 -11.59
C ALA B 198 14.31 18.54 -10.98
N ARG B 199 13.56 18.71 -9.89
CA ARG B 199 12.97 17.56 -9.22
C ARG B 199 11.82 16.97 -10.02
N ILE B 200 11.04 17.83 -10.68
CA ILE B 200 9.95 17.34 -11.51
C ILE B 200 10.47 16.51 -12.70
N ILE B 201 11.64 16.90 -13.22
CA ILE B 201 12.32 16.15 -14.31
C ILE B 201 12.76 14.77 -13.79
N GLN B 202 13.31 14.72 -12.57
CA GLN B 202 13.68 13.42 -11.98
C GLN B 202 12.48 12.56 -11.79
N TRP B 203 11.40 13.17 -11.32
CA TRP B 203 10.13 12.47 -11.11
C TRP B 203 9.59 11.88 -12.42
N ARG B 204 9.55 12.71 -13.46
CA ARG B 204 8.99 12.35 -14.75
C ARG B 204 9.76 11.22 -15.43
N ASN B 205 11.07 11.18 -15.17
CA ASN B 205 11.97 10.14 -15.69
C ASN B 205 12.13 8.88 -14.81
N ALA B 206 11.39 8.79 -13.70
CA ALA B 206 11.44 7.67 -12.75
C ALA B 206 12.84 7.50 -12.17
N ASN B 207 13.54 8.63 -11.97
CA ASN B 207 14.92 8.61 -11.50
C ASN B 207 14.91 8.26 -10.02
N PRO B 208 15.49 7.11 -9.65
CA PRO B 208 15.50 6.72 -8.21
C PRO B 208 16.30 7.67 -7.30
N GLN B 209 17.01 8.62 -7.89
CA GLN B 209 17.71 9.63 -7.11
C GLN B 209 16.74 10.50 -6.31
N LEU B 210 15.54 10.70 -6.86
CA LEU B 210 14.56 11.51 -6.16
C LEU B 210 14.24 10.88 -4.81
N ALA B 211 13.86 9.60 -4.82
CA ALA B 211 13.53 8.88 -3.60
C ALA B 211 14.74 8.77 -2.67
N ALA B 212 15.89 8.46 -3.26
CA ALA B 212 17.12 8.35 -2.48
C ALA B 212 17.43 9.65 -1.72
N ASP B 213 17.37 10.76 -2.43
CA ASP B 213 17.63 12.09 -1.80
C ASP B 213 16.59 12.42 -0.78
N TYR B 214 15.36 12.00 -1.04
CA TYR B 214 14.29 12.17 -0.04
C TYR B 214 14.62 11.47 1.23
N ARG B 215 15.00 10.19 1.15
CA ARG B 215 15.32 9.41 2.35
C ARG B 215 16.44 10.09 3.12
N ALA B 216 17.43 10.59 2.41
CA ALA B 216 18.59 11.22 3.09
C ALA B 216 18.22 12.53 3.80
N ARG B 217 17.16 13.22 3.33
CA ARG B 217 16.70 14.43 3.99
C ARG B 217 15.47 14.22 4.93
N SER B 218 15.01 12.97 5.05
CA SER B 218 13.77 12.66 5.82
C SER B 218 14.05 12.66 7.31
N LEU B 219 13.23 13.40 8.07
CA LEU B 219 13.21 13.40 9.54
C LEU B 219 12.31 12.31 10.10
N THR B 220 11.46 11.79 9.24
CA THR B 220 10.47 10.79 9.56
C THR B 220 11.06 9.37 9.48
N ILE B 221 11.66 9.02 8.35
CA ILE B 221 12.18 7.66 8.18
C ILE B 221 13.20 7.35 9.26
N GLY B 222 13.04 6.19 9.90
CA GLY B 222 13.88 5.80 11.02
C GLY B 222 13.35 6.20 12.37
N SER B 223 12.41 7.14 12.42
CA SER B 223 11.81 7.57 13.68
C SER B 223 10.65 6.66 14.09
N ARG B 224 10.51 6.43 15.41
CA ARG B 224 9.23 5.90 15.91
C ARG B 224 8.23 7.04 15.69
N VAL B 225 7.01 6.71 15.25
CA VAL B 225 5.97 7.69 14.93
C VAL B 225 4.64 7.21 15.49
N ARG B 226 3.78 8.15 15.85
CA ARG B 226 2.36 7.86 16.10
C ARG B 226 1.58 8.48 14.97
N VAL B 227 0.86 7.64 14.22
CA VAL B 227 0.02 8.11 13.13
C VAL B 227 -1.38 8.27 13.67
N GLU B 228 -1.89 9.51 13.63
CA GLU B 228 -3.16 9.84 14.23
C GLU B 228 -4.23 9.92 13.15
N LEU B 229 -5.17 8.98 13.20
CA LEU B 229 -6.19 8.86 12.18
C LEU B 229 -7.46 9.54 12.67
N PRO B 230 -8.34 9.90 11.71
CA PRO B 230 -9.61 10.50 12.09
C PRO B 230 -10.40 9.61 13.00
N GLY B 231 -11.12 10.22 13.94
CA GLY B 231 -11.94 9.46 14.89
C GLY B 231 -11.20 8.92 16.10
N GLY B 232 -10.06 9.54 16.42
CA GLY B 232 -9.34 9.32 17.68
C GLY B 232 -8.41 8.14 17.70
N GLN B 233 -8.22 7.50 16.55
CA GLN B 233 -7.45 6.26 16.58
C GLN B 233 -6.02 6.54 16.21
N ASP B 234 -5.15 5.63 16.59
CA ASP B 234 -3.76 5.85 16.24
C ASP B 234 -3.10 4.53 15.92
N VAL B 235 -1.98 4.61 15.20
CA VAL B 235 -1.09 3.47 15.02
C VAL B 235 0.33 3.95 15.24
N VAL B 236 1.06 3.22 16.08
CA VAL B 236 2.44 3.54 16.48
C VAL B 236 3.35 2.51 15.87
N GLY B 237 4.44 2.98 15.30
CA GLY B 237 5.39 2.08 14.67
C GLY B 237 6.66 2.80 14.34
N ILE B 238 7.52 2.13 13.58
CA ILE B 238 8.73 2.75 13.07
C ILE B 238 8.53 3.07 11.57
N ALA B 239 8.82 4.31 11.18
CA ALA B 239 8.73 4.76 9.78
C ALA B 239 9.95 4.18 9.04
N ARG B 240 9.68 3.37 8.01
CA ARG B 240 10.70 2.62 7.29
C ARG B 240 11.02 3.13 5.88
N ASP B 241 10.02 3.61 5.18
CA ASP B 241 10.19 3.96 3.79
C ASP B 241 8.94 4.66 3.28
N ILE B 242 9.04 5.15 2.05
CA ILE B 242 7.96 5.79 1.31
C ILE B 242 7.74 4.91 0.10
N ASP B 243 6.50 4.51 -0.14
CA ASP B 243 6.23 3.59 -1.24
C ASP B 243 6.07 4.35 -2.58
N ASP B 244 5.72 3.63 -3.65
CA ASP B 244 5.69 4.23 -4.98
C ASP B 244 4.56 5.24 -5.19
N GLN B 245 3.60 5.24 -4.27
CA GLN B 245 2.49 6.19 -4.27
C GLN B 245 2.74 7.38 -3.34
N GLY B 246 3.91 7.46 -2.71
CA GLY B 246 4.21 8.54 -1.76
C GLY B 246 3.68 8.36 -0.33
N ARG B 247 3.30 7.13 0.03
CA ARG B 247 2.65 6.85 1.32
C ARG B 247 3.72 6.36 2.28
N LEU B 248 3.47 6.56 3.57
CA LEU B 248 4.40 6.17 4.60
C LEU B 248 4.32 4.67 4.88
N CYS B 249 5.45 3.96 4.86
CA CYS B 249 5.50 2.53 5.22
C CYS B 249 6.03 2.41 6.65
N LEU B 250 5.26 1.72 7.49
CA LEU B 250 5.58 1.53 8.90
C LEU B 250 5.86 0.08 9.15
N ASP B 251 6.81 -0.18 10.05
CA ASP B 251 6.96 -1.46 10.73
C ASP B 251 6.24 -1.37 12.08
N VAL B 252 5.19 -2.16 12.24
CA VAL B 252 4.42 -2.14 13.47
C VAL B 252 4.62 -3.49 14.14
N GLY B 253 5.67 -3.56 14.97
CA GLY B 253 5.95 -4.76 15.74
C GLY B 253 6.20 -6.00 14.89
N GLY B 254 6.68 -5.78 13.67
CA GLY B 254 7.08 -6.88 12.76
C GLY B 254 6.20 -7.00 11.53
N ARG B 255 5.06 -6.29 11.52
CA ARG B 255 4.11 -6.31 10.41
C ARG B 255 4.18 -5.01 9.64
N THR B 256 3.91 -5.06 8.35
CA THR B 256 3.98 -3.87 7.50
C THR B 256 2.61 -3.20 7.40
N VAL B 257 2.61 -1.90 7.60
CA VAL B 257 1.41 -1.10 7.55
C VAL B 257 1.74 0.16 6.77
N VAL B 258 0.92 0.47 5.77
CA VAL B 258 1.12 1.68 4.92
C VAL B 258 -0.01 2.64 5.19
N VAL B 259 0.33 3.91 5.35
CA VAL B 259 -0.70 4.91 5.61
C VAL B 259 -0.68 6.03 4.59
N SER B 260 -1.86 6.37 4.07
CA SER B 260 -1.98 7.55 3.21
C SER B 260 -1.80 8.82 4.05
N ALA B 261 -1.67 9.95 3.40
CA ALA B 261 -1.38 11.19 4.09
C ALA B 261 -2.32 11.57 5.21
N GLY B 262 -1.72 11.95 6.33
CA GLY B 262 -2.43 12.53 7.45
C GLY B 262 -1.46 12.82 8.59
N ASP B 263 -2.04 13.00 9.77
CA ASP B 263 -1.30 13.46 10.94
C ASP B 263 -0.32 12.44 11.44
N VAL B 264 0.92 12.88 11.66
CA VAL B 264 2.00 12.02 12.12
C VAL B 264 2.80 12.76 13.19
N VAL B 265 3.06 12.09 14.30
CA VAL B 265 3.89 12.65 15.35
C VAL B 265 5.13 11.84 15.55
N HIS B 266 6.27 12.53 15.54
CA HIS B 266 7.55 11.91 15.71
C HIS B 266 7.70 11.69 17.22
N LEU B 267 8.10 10.48 17.59
CA LEU B 267 8.33 10.15 19.00
C LEU B 267 9.82 10.15 19.33
#